data_5GWZ
#
_entry.id   5GWZ
#
_cell.length_a   175.263
_cell.length_b   175.263
_cell.length_c   58.678
_cell.angle_alpha   90.00
_cell.angle_beta   90.00
_cell.angle_gamma   120.00
#
_symmetry.space_group_name_H-M   'H 3'
#
loop_
_entity.id
_entity.type
_entity.pdbx_description
1 polymer 'PEDV main protease'
2 polymer N-[(5-METHYLISOXAZOL-3-YL)CARBONYL]ALANYL-L-VALYL-N~1~-((1R,2Z)-4-(BENZYLOXY)-4-OXO-1-{[(3R)-2-OXOPYRROLIDIN-3-YL]METHYL}BUT-2-ENYL)-L-LEUCINAMIDE
3 water water
#
loop_
_entity_poly.entity_id
_entity_poly.type
_entity_poly.pdbx_seq_one_letter_code
_entity_poly.pdbx_strand_id
1 'polypeptide(L)'
;GPLGSAGLRKMAQPSGVVEKCIVRVCYGNMALNGLWLGDIVMCPRHVIASSTTSTIDYDYALSVLRLHNFSISSGNVFLG
VVSATMRGALLQIKVNQNNVHTPKYTYRTVRPGESFNILACYDGAAAGVYGVNMRSNYTIRGSFINGACGSPGYNINNGT
VEFCYLHQLELGSGCHVGSDLDGVMYGGYEDQPTLQVEGASSLFTENVLAFLYAALINGSTWWLSSSRIAVDRFNEWAVH
NGMTTVGNTDCFSILAAKTGVDVQRLLASIQSLHKNFGGKQILGHTSLTDEFTTGEVVRQMYGVNLQ
;
B,A
2 'polypeptide(L)' (02J)AVL(PJE)(010) D,E
#
# COMPACT_ATOMS: atom_id res chain seq x y z
N GLY A 7 -7.37 10.80 6.57
CA GLY A 7 -7.09 10.84 5.15
C GLY A 7 -7.59 9.60 4.43
N LEU A 8 -7.30 9.52 3.13
CA LEU A 8 -7.72 8.36 2.35
C LEU A 8 -6.52 7.70 1.67
N ARG A 9 -6.18 6.52 2.17
CA ARG A 9 -5.05 5.74 1.66
C ARG A 9 -5.47 4.58 0.78
N LYS A 10 -4.75 4.37 -0.31
CA LYS A 10 -4.77 3.08 -0.96
C LYS A 10 -3.98 2.13 -0.06
N MET A 11 -4.65 1.11 0.47
CA MET A 11 -4.02 0.13 1.33
C MET A 11 -4.07 -1.24 0.66
N ALA A 12 -3.16 -2.12 1.05
CA ALA A 12 -3.22 -3.50 0.60
C ALA A 12 -3.69 -4.41 1.72
N GLN A 13 -4.39 -5.49 1.36
CA GLN A 13 -4.70 -6.52 2.33
C GLN A 13 -3.42 -7.28 2.64
N PRO A 14 -3.34 -7.88 3.83
CA PRO A 14 -2.14 -8.63 4.23
C PRO A 14 -1.82 -9.76 3.24
N SER A 15 -0.54 -9.91 2.92
CA SER A 15 -0.13 -10.73 1.78
C SER A 15 0.36 -12.13 2.14
N GLY A 16 0.46 -12.43 3.43
CA GLY A 16 1.08 -13.66 3.90
C GLY A 16 0.57 -14.95 3.28
N VAL A 17 -0.74 -15.02 3.08
CA VAL A 17 -1.38 -16.22 2.56
C VAL A 17 -0.95 -16.48 1.09
N VAL A 18 -0.59 -15.42 0.38
CA VAL A 18 -0.21 -15.54 -1.02
C VAL A 18 1.31 -15.71 -1.21
N GLU A 19 2.09 -15.16 -0.28
CA GLU A 19 3.55 -15.16 -0.36
C GLU A 19 4.15 -16.56 -0.56
N LYS A 20 3.50 -17.57 0.00
CA LYS A 20 4.02 -18.93 -0.06
C LYS A 20 3.56 -19.68 -1.30
N CYS A 21 2.82 -18.99 -2.16
CA CYS A 21 2.39 -19.56 -3.42
C CYS A 21 3.25 -19.08 -4.58
N ILE A 22 4.23 -18.22 -4.28
CA ILE A 22 5.06 -17.65 -5.33
C ILE A 22 6.33 -18.43 -5.58
N VAL A 23 6.63 -18.65 -6.85
CA VAL A 23 7.76 -19.48 -7.25
C VAL A 23 8.46 -18.84 -8.42
N ARG A 24 9.74 -19.13 -8.52
CA ARG A 24 10.53 -18.70 -9.66
C ARG A 24 10.38 -19.72 -10.79
N VAL A 25 10.02 -19.24 -11.98
CA VAL A 25 9.90 -20.09 -13.15
C VAL A 25 10.94 -19.72 -14.19
N CYS A 26 11.93 -20.58 -14.35
CA CYS A 26 12.98 -20.33 -15.31
C CYS A 26 12.89 -21.29 -16.49
N TYR A 27 12.87 -20.75 -17.69
CA TYR A 27 12.89 -21.53 -18.92
C TYR A 27 14.05 -21.04 -19.73
N GLY A 28 15.10 -21.83 -19.82
CA GLY A 28 16.28 -21.44 -20.52
C GLY A 28 16.94 -20.28 -19.84
N ASN A 29 16.87 -19.15 -20.46
CA ASN A 29 17.44 -17.92 -19.98
C ASN A 29 16.46 -17.08 -19.22
N MET A 30 15.22 -17.20 -19.61
CA MET A 30 14.17 -16.43 -19.06
C MET A 30 13.64 -16.89 -17.72
N ALA A 31 13.50 -15.94 -16.85
CA ALA A 31 13.00 -16.18 -15.53
C ALA A 31 11.93 -15.16 -15.08
N LEU A 32 10.79 -15.64 -14.63
CA LEU A 32 9.75 -14.79 -14.07
C LEU A 32 9.09 -15.48 -12.88
N ASN A 33 7.89 -15.02 -12.51
CA ASN A 33 7.22 -15.56 -11.34
C ASN A 33 6.02 -16.43 -11.70
N GLY A 34 5.79 -17.45 -10.90
CA GLY A 34 4.68 -18.34 -11.10
C GLY A 34 3.83 -18.46 -9.86
N LEU A 35 2.58 -18.87 -10.03
CA LEU A 35 1.67 -19.05 -8.90
C LEU A 35 1.50 -20.55 -8.64
N TRP A 36 1.79 -20.95 -7.41
CA TRP A 36 2.05 -22.34 -7.08
C TRP A 36 0.97 -22.87 -6.12
N LEU A 37 -0.07 -23.45 -6.72
CA LEU A 37 -1.26 -23.94 -6.00
C LEU A 37 -1.47 -25.42 -6.28
N GLY A 38 -1.56 -26.24 -5.23
CA GLY A 38 -1.71 -27.66 -5.41
C GLY A 38 -0.43 -28.22 -5.99
N ASP A 39 -0.54 -28.97 -7.09
CA ASP A 39 0.64 -29.48 -7.78
C ASP A 39 0.77 -28.79 -9.14
N ILE A 40 0.20 -27.60 -9.24
CA ILE A 40 0.25 -26.85 -10.49
C ILE A 40 0.86 -25.46 -10.33
N VAL A 41 1.66 -25.06 -11.30
CA VAL A 41 2.23 -23.72 -11.33
C VAL A 41 1.72 -22.95 -12.55
N MET A 42 1.03 -21.85 -12.30
CA MET A 42 0.57 -20.95 -13.35
C MET A 42 1.57 -19.81 -13.56
N CYS A 43 1.89 -19.53 -14.82
CA CYS A 43 2.79 -18.43 -15.15
C CYS A 43 2.48 -17.97 -16.56
N PRO A 44 2.90 -16.73 -16.91
CA PRO A 44 2.70 -16.24 -18.28
C PRO A 44 3.43 -17.11 -19.31
N ARG A 45 2.74 -17.44 -20.39
CA ARG A 45 3.30 -18.34 -21.39
C ARG A 45 4.52 -17.77 -22.12
N HIS A 46 4.67 -16.45 -22.16
CA HIS A 46 5.78 -15.86 -22.90
C HIS A 46 7.14 -16.21 -22.28
N VAL A 47 7.13 -16.92 -21.16
CA VAL A 47 8.36 -17.42 -20.54
C VAL A 47 9.11 -18.39 -21.47
N ILE A 48 8.39 -19.02 -22.39
CA ILE A 48 9.04 -19.95 -23.30
C ILE A 48 9.36 -19.31 -24.66
N ALA A 49 8.89 -18.09 -24.88
CA ALA A 49 9.21 -17.34 -26.09
C ALA A 49 10.32 -16.31 -25.87
N SER A 50 11.09 -16.03 -26.91
CA SER A 50 12.12 -14.98 -26.86
C SER A 50 11.94 -13.91 -27.96
N SER A 51 11.18 -12.88 -27.69
CA SER A 51 10.95 -11.85 -28.70
C SER A 51 11.10 -10.41 -28.24
N THR A 52 11.46 -9.55 -29.16
CA THR A 52 11.62 -8.15 -28.78
C THR A 52 10.69 -7.21 -29.57
N THR A 53 10.58 -7.43 -30.87
CA THR A 53 9.80 -6.50 -31.71
C THR A 53 8.73 -7.17 -32.57
N SER A 54 8.71 -8.49 -32.59
CA SER A 54 7.76 -9.21 -33.45
C SER A 54 6.81 -10.14 -32.71
N THR A 55 5.69 -10.40 -33.38
CA THR A 55 4.65 -11.29 -32.88
C THR A 55 5.22 -12.66 -32.56
N ILE A 56 4.61 -13.33 -31.60
CA ILE A 56 5.08 -14.64 -31.18
C ILE A 56 4.09 -15.70 -31.63
N ASP A 57 4.60 -16.74 -32.28
CA ASP A 57 3.79 -17.90 -32.61
C ASP A 57 3.83 -18.83 -31.41
N TYR A 58 2.80 -18.72 -30.57
CA TYR A 58 2.78 -19.45 -29.31
C TYR A 58 2.45 -20.91 -29.54
N ASP A 59 1.73 -21.21 -30.61
CA ASP A 59 1.41 -22.59 -30.93
C ASP A 59 2.68 -23.31 -31.33
N TYR A 60 3.56 -22.60 -32.02
CA TYR A 60 4.84 -23.18 -32.40
C TYR A 60 5.80 -23.28 -31.20
N ALA A 61 5.85 -22.23 -30.38
CA ALA A 61 6.74 -22.22 -29.23
C ALA A 61 6.40 -23.36 -28.28
N LEU A 62 5.11 -23.65 -28.16
CA LEU A 62 4.65 -24.75 -27.33
C LEU A 62 5.08 -26.10 -27.89
N SER A 63 5.09 -26.22 -29.21
CA SER A 63 5.40 -27.50 -29.86
C SER A 63 6.87 -27.84 -29.75
N VAL A 64 7.70 -26.81 -29.60
CA VAL A 64 9.15 -26.97 -29.51
C VAL A 64 9.58 -27.06 -28.03
N LEU A 65 8.66 -26.71 -27.14
CA LEU A 65 8.94 -26.66 -25.70
C LEU A 65 9.57 -27.95 -25.17
N ARG A 66 10.63 -27.80 -24.38
CA ARG A 66 11.30 -28.93 -23.74
C ARG A 66 11.21 -28.82 -22.22
N LEU A 67 10.66 -29.86 -21.59
CA LEU A 67 10.39 -29.84 -20.16
C LEU A 67 11.64 -29.75 -19.31
N HIS A 68 12.75 -30.29 -19.82
CA HIS A 68 14.00 -30.30 -19.07
C HIS A 68 14.70 -28.94 -19.10
N ASN A 69 14.17 -28.02 -19.89
CA ASN A 69 14.69 -26.64 -19.91
C ASN A 69 14.06 -25.78 -18.81
N PHE A 70 13.04 -26.33 -18.15
CA PHE A 70 12.42 -25.66 -17.01
C PHE A 70 13.22 -25.91 -15.73
N SER A 71 13.40 -24.86 -14.94
CA SER A 71 13.81 -25.03 -13.55
C SER A 71 12.91 -24.17 -12.68
N ILE A 72 12.11 -24.81 -11.83
CA ILE A 72 11.14 -24.12 -11.01
C ILE A 72 11.49 -24.29 -9.53
N SER A 73 11.47 -23.20 -8.79
CA SER A 73 11.87 -23.26 -7.40
C SER A 73 10.97 -22.45 -6.47
N SER A 74 10.77 -22.98 -5.28
CA SER A 74 10.11 -22.25 -4.19
C SER A 74 11.16 -22.06 -3.10
N GLY A 75 11.66 -20.83 -2.97
CA GLY A 75 12.83 -20.60 -2.14
C GLY A 75 14.02 -21.28 -2.80
N ASN A 76 14.74 -22.09 -2.03
CA ASN A 76 15.82 -22.88 -2.61
C ASN A 76 15.36 -24.31 -2.85
N VAL A 77 14.05 -24.53 -2.77
CA VAL A 77 13.50 -25.86 -3.00
C VAL A 77 13.01 -26.01 -4.43
N PHE A 78 13.63 -26.93 -5.17
CA PHE A 78 13.27 -27.11 -6.56
C PHE A 78 12.14 -28.10 -6.72
N LEU A 79 11.26 -27.80 -7.67
CA LEU A 79 10.08 -28.60 -7.93
C LEU A 79 10.23 -29.22 -9.31
N GLY A 80 10.27 -30.54 -9.38
CA GLY A 80 10.41 -31.23 -10.64
C GLY A 80 9.20 -31.03 -11.54
N VAL A 81 9.46 -30.70 -12.80
CA VAL A 81 8.39 -30.46 -13.76
C VAL A 81 7.91 -31.77 -14.39
N VAL A 82 6.60 -31.99 -14.36
CA VAL A 82 6.00 -33.20 -14.90
C VAL A 82 5.47 -32.99 -16.31
N SER A 83 4.59 -32.02 -16.48
CA SER A 83 4.03 -31.71 -17.78
C SER A 83 3.63 -30.23 -17.87
N ALA A 84 3.32 -29.78 -19.08
CA ALA A 84 2.91 -28.40 -19.28
C ALA A 84 1.90 -28.30 -20.41
N THR A 85 0.86 -27.51 -20.18
CA THR A 85 -0.16 -27.25 -21.18
C THR A 85 -0.44 -25.77 -21.22
N MET A 86 -0.97 -25.30 -22.36
CA MET A 86 -1.20 -23.89 -22.55
C MET A 86 -2.66 -23.56 -22.26
N ARG A 87 -2.87 -22.49 -21.52
CA ARG A 87 -4.22 -22.07 -21.11
C ARG A 87 -4.36 -20.56 -21.30
N GLY A 88 -4.74 -20.15 -22.49
CA GLY A 88 -4.83 -18.74 -22.82
C GLY A 88 -3.45 -18.12 -22.87
N ALA A 89 -3.24 -17.06 -22.10
CA ALA A 89 -1.95 -16.39 -22.06
C ALA A 89 -1.06 -16.98 -20.98
N LEU A 90 -1.43 -18.15 -20.47
CA LEU A 90 -0.69 -18.80 -19.39
C LEU A 90 -0.23 -20.20 -19.75
N LEU A 91 0.63 -20.75 -18.91
CA LEU A 91 0.96 -22.16 -18.97
C LEU A 91 0.53 -22.84 -17.68
N GLN A 92 -0.06 -24.02 -17.81
CA GLN A 92 -0.30 -24.90 -16.66
C GLN A 92 0.88 -25.84 -16.55
N ILE A 93 1.70 -25.66 -15.52
CA ILE A 93 2.85 -26.54 -15.36
C ILE A 93 2.62 -27.46 -14.18
N LYS A 94 2.54 -28.75 -14.47
CA LYS A 94 2.33 -29.77 -13.45
C LYS A 94 3.68 -30.06 -12.84
N VAL A 95 3.75 -30.10 -11.51
CA VAL A 95 5.04 -30.30 -10.86
C VAL A 95 5.06 -31.51 -9.92
N ASN A 96 6.25 -31.76 -9.41
CA ASN A 96 6.60 -32.89 -8.56
C ASN A 96 5.78 -33.12 -7.29
N GLN A 97 5.33 -32.03 -6.68
CA GLN A 97 4.71 -32.13 -5.37
C GLN A 97 3.57 -31.14 -5.15
N ASN A 98 2.85 -31.30 -4.04
CA ASN A 98 1.79 -30.36 -3.66
C ASN A 98 2.31 -29.20 -2.84
N ASN A 99 1.77 -28.01 -3.07
CA ASN A 99 2.04 -26.89 -2.19
C ASN A 99 1.26 -27.05 -0.90
N VAL A 100 1.95 -27.50 0.15
CA VAL A 100 1.35 -27.69 1.46
C VAL A 100 0.68 -26.42 2.00
N HIS A 101 1.18 -25.26 1.59
CA HIS A 101 0.62 -24.00 2.07
C HIS A 101 -0.42 -23.44 1.11
N THR A 102 -0.97 -24.30 0.26
CA THR A 102 -2.06 -23.89 -0.62
C THR A 102 -3.23 -23.39 0.21
N PRO A 103 -3.67 -22.15 -0.05
CA PRO A 103 -4.75 -21.54 0.71
C PRO A 103 -6.12 -21.98 0.24
N LYS A 104 -7.15 -21.66 1.01
CA LYS A 104 -8.52 -21.74 0.50
C LYS A 104 -8.67 -20.63 -0.54
N TYR A 105 -8.89 -21.01 -1.80
CA TYR A 105 -8.93 -19.99 -2.86
C TYR A 105 -9.97 -20.29 -3.93
N THR A 106 -10.24 -19.27 -4.75
CA THR A 106 -11.07 -19.40 -5.95
C THR A 106 -10.47 -18.55 -7.06
N TYR A 107 -10.95 -18.76 -8.28
CA TYR A 107 -10.63 -17.86 -9.37
C TYR A 107 -11.77 -16.87 -9.54
N ARG A 108 -11.44 -15.60 -9.74
CA ARG A 108 -12.46 -14.60 -10.02
C ARG A 108 -11.92 -13.55 -10.99
N THR A 109 -12.68 -13.28 -12.03
CA THR A 109 -12.31 -12.26 -13.00
C THR A 109 -12.83 -10.90 -12.53
N VAL A 110 -11.94 -9.91 -12.46
CA VAL A 110 -12.31 -8.59 -11.95
C VAL A 110 -13.18 -7.85 -12.95
N ARG A 111 -14.09 -7.04 -12.41
CA ARG A 111 -14.88 -6.12 -13.22
C ARG A 111 -14.28 -4.71 -13.13
N PRO A 112 -14.52 -3.89 -14.16
CA PRO A 112 -14.10 -2.48 -14.08
C PRO A 112 -14.65 -1.80 -12.84
N GLY A 113 -13.83 -0.99 -12.18
CA GLY A 113 -14.24 -0.30 -10.97
C GLY A 113 -13.86 -1.02 -9.69
N GLU A 114 -13.65 -2.33 -9.79
CA GLU A 114 -13.32 -3.13 -8.61
C GLU A 114 -11.85 -3.00 -8.23
N SER A 115 -11.58 -3.01 -6.93
CA SER A 115 -10.22 -2.91 -6.45
C SER A 115 -9.70 -4.28 -6.01
N PHE A 116 -8.38 -4.47 -6.10
CA PHE A 116 -7.75 -5.66 -5.58
C PHE A 116 -6.29 -5.39 -5.24
N ASN A 117 -5.61 -6.40 -4.72
CA ASN A 117 -4.23 -6.25 -4.28
C ASN A 117 -3.24 -6.81 -5.29
N ILE A 118 -2.09 -6.16 -5.37
CA ILE A 118 -1.00 -6.70 -6.18
C ILE A 118 0.18 -7.04 -5.29
N LEU A 119 0.66 -8.27 -5.43
CA LEU A 119 1.87 -8.68 -4.76
C LEU A 119 2.98 -8.65 -5.79
N ALA A 120 3.73 -7.56 -5.82
CA ALA A 120 4.82 -7.40 -6.78
C ALA A 120 5.93 -8.39 -6.47
N CYS A 121 6.24 -9.23 -7.44
CA CYS A 121 7.24 -10.27 -7.24
C CYS A 121 8.39 -10.13 -8.23
N TYR A 122 9.57 -10.55 -7.80
CA TYR A 122 10.76 -10.54 -8.65
C TYR A 122 11.62 -11.75 -8.29
N ASP A 123 12.00 -12.51 -9.32
CA ASP A 123 12.83 -13.69 -9.16
C ASP A 123 12.20 -14.75 -8.25
N GLY A 124 10.87 -14.80 -8.24
CA GLY A 124 10.16 -15.79 -7.45
C GLY A 124 9.97 -15.41 -6.00
N ALA A 125 10.29 -14.17 -5.66
CA ALA A 125 10.11 -13.70 -4.29
C ALA A 125 9.25 -12.43 -4.27
N ALA A 126 8.31 -12.39 -3.33
CA ALA A 126 7.48 -11.19 -3.15
C ALA A 126 8.34 -10.04 -2.67
N ALA A 127 8.19 -8.88 -3.32
CA ALA A 127 9.01 -7.73 -3.00
C ALA A 127 8.20 -6.55 -2.44
N GLY A 128 6.96 -6.41 -2.89
CA GLY A 128 6.13 -5.30 -2.43
C GLY A 128 4.65 -5.59 -2.63
N VAL A 129 3.82 -4.95 -1.82
CA VAL A 129 2.39 -5.14 -1.96
C VAL A 129 1.68 -3.79 -1.91
N TYR A 130 0.72 -3.60 -2.80
CA TYR A 130 -0.03 -2.34 -2.87
C TYR A 130 -1.41 -2.55 -3.45
N GLY A 131 -2.32 -1.63 -3.17
CA GLY A 131 -3.67 -1.73 -3.68
C GLY A 131 -3.83 -1.07 -5.03
N VAL A 132 -4.66 -1.67 -5.88
CA VAL A 132 -4.96 -1.12 -7.20
C VAL A 132 -6.44 -1.19 -7.50
N ASN A 133 -6.83 -0.58 -8.60
CA ASN A 133 -8.21 -0.59 -9.03
C ASN A 133 -8.34 -0.85 -10.53
N MET A 134 -9.17 -1.81 -10.90
CA MET A 134 -9.37 -2.13 -12.31
C MET A 134 -10.23 -1.08 -13.00
N ARG A 135 -9.65 -0.41 -13.98
CA ARG A 135 -10.34 0.66 -14.71
C ARG A 135 -11.23 0.12 -15.85
N SER A 136 -12.11 0.98 -16.37
CA SER A 136 -13.04 0.59 -17.43
C SER A 136 -12.25 0.14 -18.64
N ASN A 137 -11.04 0.68 -18.77
CA ASN A 137 -10.00 0.19 -19.67
C ASN A 137 -9.72 -1.32 -19.63
N TYR A 138 -10.04 -1.96 -18.51
CA TYR A 138 -9.50 -3.27 -18.16
C TYR A 138 -7.98 -3.20 -18.06
N THR A 139 -7.48 -2.03 -17.67
CA THR A 139 -6.08 -1.87 -17.32
C THR A 139 -5.97 -1.41 -15.88
N ILE A 140 -4.76 -1.45 -15.33
CA ILE A 140 -4.50 -0.94 -13.98
C ILE A 140 -3.28 -0.04 -14.01
N ARG A 141 -3.20 0.87 -13.05
CA ARG A 141 -2.01 1.69 -12.92
C ARG A 141 -1.13 1.05 -11.85
N GLY A 142 -0.40 0.02 -12.25
CA GLY A 142 0.51 -0.65 -11.34
C GLY A 142 1.88 -0.01 -11.30
N SER A 143 2.79 -0.59 -10.53
CA SER A 143 4.19 -0.22 -10.59
C SER A 143 5.03 -1.47 -10.81
N PHE A 144 5.42 -1.70 -12.06
CA PHE A 144 6.15 -2.90 -12.44
C PHE A 144 7.37 -2.56 -13.26
N ILE A 145 8.45 -3.31 -13.04
CA ILE A 145 9.64 -3.19 -13.87
C ILE A 145 9.99 -4.57 -14.40
N ASN A 146 11.13 -4.69 -15.07
CA ASN A 146 11.59 -5.97 -15.59
C ASN A 146 11.62 -7.05 -14.52
N GLY A 147 11.07 -8.22 -14.84
CA GLY A 147 11.06 -9.35 -13.93
C GLY A 147 9.77 -9.51 -13.17
N ALA A 148 8.87 -8.54 -13.29
CA ALA A 148 7.64 -8.54 -12.51
C ALA A 148 6.55 -9.48 -13.03
N CYS A 149 6.72 -10.00 -14.25
CA CYS A 149 5.68 -10.82 -14.86
C CYS A 149 5.36 -12.06 -14.04
N GLY A 150 4.07 -12.38 -13.94
CA GLY A 150 3.63 -13.47 -13.11
C GLY A 150 3.24 -13.02 -11.71
N SER A 151 3.49 -11.74 -11.40
CA SER A 151 3.04 -11.18 -10.13
C SER A 151 1.54 -11.34 -10.01
N PRO A 152 1.07 -11.87 -8.87
CA PRO A 152 -0.34 -12.17 -8.76
C PRO A 152 -1.18 -11.00 -8.25
N GLY A 153 -2.42 -10.95 -8.70
CA GLY A 153 -3.40 -10.03 -8.15
C GLY A 153 -4.40 -10.85 -7.37
N TYR A 154 -4.87 -10.32 -6.24
CA TYR A 154 -5.74 -11.09 -5.36
C TYR A 154 -6.64 -10.21 -4.51
N ASN A 155 -7.71 -10.81 -4.02
CA ASN A 155 -8.57 -10.18 -3.02
C ASN A 155 -8.92 -11.21 -1.96
N ILE A 156 -8.91 -10.81 -0.69
CA ILE A 156 -9.29 -11.72 0.38
C ILE A 156 -10.72 -11.46 0.83
N ASN A 157 -11.57 -12.46 0.64
CA ASN A 157 -13.00 -12.33 0.88
C ASN A 157 -13.49 -13.40 1.85
N ASN A 158 -13.69 -12.99 3.10
CA ASN A 158 -14.22 -13.86 4.15
C ASN A 158 -13.42 -15.16 4.28
N GLY A 159 -12.11 -15.03 4.44
CA GLY A 159 -11.25 -16.19 4.60
C GLY A 159 -10.82 -16.84 3.30
N THR A 160 -11.44 -16.42 2.20
CA THR A 160 -11.14 -16.98 0.88
C THR A 160 -10.27 -16.04 0.05
N VAL A 161 -9.20 -16.58 -0.52
CA VAL A 161 -8.34 -15.81 -1.42
C VAL A 161 -8.87 -15.91 -2.85
N GLU A 162 -9.21 -14.76 -3.43
CA GLU A 162 -9.69 -14.74 -4.80
C GLU A 162 -8.58 -14.25 -5.72
N PHE A 163 -7.97 -15.19 -6.45
CA PHE A 163 -6.92 -14.83 -7.40
C PHE A 163 -7.55 -14.30 -8.67
N CYS A 164 -7.08 -13.13 -9.12
CA CYS A 164 -7.76 -12.43 -10.20
C CYS A 164 -6.84 -11.87 -11.26
N TYR A 165 -5.53 -12.04 -11.09
CA TYR A 165 -4.58 -11.34 -11.95
C TYR A 165 -3.20 -11.99 -11.94
N LEU A 166 -2.60 -12.12 -13.12
CA LEU A 166 -1.19 -12.45 -13.26
C LEU A 166 -0.57 -11.47 -14.24
N HIS A 167 0.43 -10.72 -13.79
CA HIS A 167 0.95 -9.63 -14.61
C HIS A 167 1.60 -10.11 -15.90
N GLN A 168 1.26 -9.43 -16.99
CA GLN A 168 1.71 -9.82 -18.33
C GLN A 168 2.42 -8.70 -19.06
N LEU A 169 1.92 -7.48 -18.92
CA LEU A 169 2.16 -6.48 -19.94
C LEU A 169 2.09 -5.02 -19.47
N GLU A 170 2.96 -4.19 -20.04
CA GLU A 170 2.90 -2.74 -19.89
C GLU A 170 2.66 -2.04 -21.23
N LEU A 171 1.56 -1.31 -21.33
CA LEU A 171 1.27 -0.54 -22.54
C LEU A 171 2.16 0.69 -22.60
N GLY A 172 2.23 1.30 -23.78
CA GLY A 172 3.08 2.47 -24.01
C GLY A 172 2.75 3.64 -23.11
N SER A 173 1.51 3.71 -22.66
CA SER A 173 1.07 4.81 -21.79
C SER A 173 1.57 4.65 -20.37
N GLY A 174 2.12 3.48 -20.05
CA GLY A 174 2.66 3.23 -18.73
C GLY A 174 1.76 2.40 -17.85
N CYS A 175 0.52 2.18 -18.30
CA CYS A 175 -0.42 1.36 -17.54
C CYS A 175 -0.17 -0.11 -17.82
N HIS A 176 -0.83 -0.99 -17.05
CA HIS A 176 -0.48 -2.40 -17.09
C HIS A 176 -1.66 -3.31 -17.34
N VAL A 177 -1.36 -4.46 -17.94
CA VAL A 177 -2.38 -5.44 -18.27
C VAL A 177 -1.92 -6.82 -17.81
N GLY A 178 -2.84 -7.57 -17.25
CA GLY A 178 -2.59 -8.96 -16.90
C GLY A 178 -3.71 -9.83 -17.45
N SER A 179 -3.59 -11.13 -17.20
CA SER A 179 -4.67 -12.06 -17.48
C SER A 179 -5.27 -12.54 -16.17
N ASP A 180 -6.49 -13.10 -16.23
CA ASP A 180 -7.03 -13.78 -15.06
C ASP A 180 -6.41 -15.18 -14.98
N LEU A 181 -6.80 -15.97 -14.00
CA LEU A 181 -6.14 -17.26 -13.81
C LEU A 181 -6.66 -18.33 -14.77
N ASP A 182 -7.60 -17.96 -15.62
CA ASP A 182 -8.06 -18.84 -16.69
C ASP A 182 -7.26 -18.56 -17.96
N GLY A 183 -6.40 -17.54 -17.91
CA GLY A 183 -5.54 -17.24 -19.03
C GLY A 183 -6.06 -16.14 -19.95
N VAL A 184 -7.25 -15.62 -19.63
CA VAL A 184 -7.86 -14.60 -20.45
C VAL A 184 -7.28 -13.22 -20.19
N MET A 185 -6.68 -12.63 -21.21
CA MET A 185 -6.15 -11.27 -21.11
C MET A 185 -7.27 -10.28 -20.89
N TYR A 186 -7.13 -9.43 -19.87
CA TYR A 186 -8.11 -8.37 -19.63
C TYR A 186 -8.15 -7.42 -20.82
N GLY A 187 -9.36 -6.95 -21.15
CA GLY A 187 -9.55 -5.98 -22.22
C GLY A 187 -9.21 -6.48 -23.60
N GLY A 188 -9.13 -7.80 -23.74
CA GLY A 188 -8.80 -8.40 -25.01
C GLY A 188 -7.45 -7.97 -25.57
N TYR A 189 -6.57 -7.49 -24.71
CA TYR A 189 -5.23 -7.12 -25.14
C TYR A 189 -4.48 -8.40 -25.46
N GLU A 190 -3.38 -8.29 -26.20
CA GLU A 190 -2.65 -9.46 -26.64
C GLU A 190 -1.28 -9.53 -25.99
N ASP A 191 -0.86 -10.72 -25.60
CA ASP A 191 0.44 -10.89 -24.98
C ASP A 191 1.57 -10.86 -25.98
N GLN A 192 1.62 -9.79 -26.75
CA GLN A 192 2.62 -9.59 -27.78
C GLN A 192 3.29 -8.23 -27.61
N PRO A 193 4.52 -8.08 -28.13
CA PRO A 193 5.18 -6.77 -28.05
C PRO A 193 4.80 -5.87 -29.22
N THR A 194 3.56 -6.00 -29.69
CA THR A 194 3.05 -5.21 -30.78
C THR A 194 2.47 -3.89 -30.30
N LEU A 195 2.38 -2.93 -31.23
CA LEU A 195 1.76 -1.64 -30.97
C LEU A 195 0.31 -1.82 -30.51
N GLN A 196 0.07 -1.54 -29.24
CA GLN A 196 -1.28 -1.69 -28.66
C GLN A 196 -1.61 -0.45 -27.85
N VAL A 197 -2.45 0.41 -28.42
CA VAL A 197 -2.79 1.67 -27.76
C VAL A 197 -3.81 1.44 -26.65
N GLU A 198 -3.54 2.00 -25.48
CA GLU A 198 -4.45 1.93 -24.35
C GLU A 198 -5.81 2.50 -24.76
N GLY A 199 -6.84 1.66 -24.67
CA GLY A 199 -8.20 2.07 -24.98
C GLY A 199 -8.67 3.30 -24.23
N ALA A 200 -9.74 3.91 -24.72
CA ALA A 200 -10.36 5.01 -24.00
C ALA A 200 -10.94 4.48 -22.71
N SER A 201 -10.90 5.28 -21.65
CA SER A 201 -11.50 4.87 -20.39
C SER A 201 -12.35 5.97 -19.78
N SER A 202 -13.31 5.56 -18.95
CA SER A 202 -14.20 6.49 -18.28
C SER A 202 -13.97 6.41 -16.78
N LEU A 203 -14.17 7.52 -16.09
CA LEU A 203 -14.18 7.51 -14.64
C LEU A 203 -15.32 6.63 -14.14
N PHE A 204 -15.01 5.70 -13.26
CA PHE A 204 -16.03 4.84 -12.67
C PHE A 204 -16.78 5.67 -11.64
N THR A 205 -17.98 6.12 -12.01
CA THR A 205 -18.72 7.11 -11.24
C THR A 205 -19.03 6.67 -9.81
N GLU A 206 -19.33 5.39 -9.64
CA GLU A 206 -19.63 4.86 -8.32
C GLU A 206 -18.45 5.01 -7.37
N ASN A 207 -17.24 4.85 -7.88
CA ASN A 207 -16.04 5.06 -7.09
C ASN A 207 -15.83 6.55 -6.78
N VAL A 208 -16.18 7.40 -7.73
CA VAL A 208 -16.10 8.84 -7.54
C VAL A 208 -17.09 9.28 -6.46
N LEU A 209 -18.28 8.67 -6.49
CA LEU A 209 -19.29 8.92 -5.47
C LEU A 209 -18.76 8.56 -4.08
N ALA A 210 -18.14 7.40 -3.98
CA ALA A 210 -17.49 6.97 -2.73
C ALA A 210 -16.46 7.98 -2.26
N PHE A 211 -15.68 8.51 -3.21
CA PHE A 211 -14.67 9.51 -2.91
C PHE A 211 -15.28 10.80 -2.36
N LEU A 212 -16.30 11.32 -3.03
CA LEU A 212 -16.97 12.54 -2.58
C LEU A 212 -17.66 12.36 -1.23
N TYR A 213 -18.16 11.16 -0.97
CA TYR A 213 -18.70 10.84 0.34
C TYR A 213 -17.60 10.94 1.40
N ALA A 214 -16.43 10.40 1.06
CA ALA A 214 -15.28 10.45 1.96
C ALA A 214 -14.86 11.88 2.26
N ALA A 215 -15.04 12.77 1.28
CA ALA A 215 -14.71 14.18 1.45
C ALA A 215 -15.68 14.86 2.39
N LEU A 216 -16.97 14.56 2.23
CA LEU A 216 -18.00 15.10 3.12
C LEU A 216 -17.73 14.67 4.55
N ILE A 217 -17.37 13.40 4.71
CA ILE A 217 -17.10 12.80 6.01
C ILE A 217 -15.89 13.47 6.68
N ASN A 218 -14.93 13.92 5.88
CA ASN A 218 -13.74 14.56 6.42
C ASN A 218 -13.81 16.08 6.35
N GLY A 219 -15.03 16.61 6.29
CA GLY A 219 -15.24 18.05 6.43
C GLY A 219 -15.04 18.84 5.16
N SER A 220 -14.98 18.17 4.01
CA SER A 220 -14.82 18.86 2.74
C SER A 220 -16.20 19.01 2.10
N THR A 221 -16.81 20.18 2.27
CA THR A 221 -18.18 20.42 1.81
C THR A 221 -18.38 21.65 0.93
N TRP A 222 -17.29 22.30 0.55
CA TRP A 222 -17.37 23.51 -0.28
C TRP A 222 -17.97 23.27 -1.67
N TRP A 223 -17.64 22.11 -2.25
CA TRP A 223 -18.05 21.75 -3.61
C TRP A 223 -19.47 21.23 -3.79
N LEU A 224 -20.21 21.01 -2.70
CA LEU A 224 -21.57 20.48 -2.80
C LEU A 224 -22.52 21.35 -3.61
N SER A 225 -23.27 20.73 -4.53
CA SER A 225 -24.28 21.44 -5.30
C SER A 225 -25.60 21.36 -4.54
N SER A 226 -26.49 22.31 -4.78
CA SER A 226 -27.80 22.33 -4.14
C SER A 226 -28.82 21.62 -5.01
N SER A 227 -28.43 21.41 -6.27
CA SER A 227 -29.31 20.80 -7.24
C SER A 227 -29.26 19.28 -7.15
N ARG A 228 -30.02 18.63 -8.02
CA ARG A 228 -30.10 17.17 -8.09
C ARG A 228 -30.44 16.70 -9.48
N ILE A 229 -29.95 15.52 -9.84
CA ILE A 229 -30.39 14.83 -11.05
C ILE A 229 -30.70 13.39 -10.68
N ALA A 230 -31.68 12.81 -11.36
CA ALA A 230 -32.01 11.41 -11.15
C ALA A 230 -30.91 10.56 -11.76
N VAL A 231 -30.69 9.39 -11.16
CA VAL A 231 -29.71 8.43 -11.66
C VAL A 231 -29.91 8.16 -13.15
N ASP A 232 -31.17 8.11 -13.58
CA ASP A 232 -31.49 7.74 -14.95
C ASP A 232 -31.10 8.81 -15.97
N ARG A 233 -31.11 10.07 -15.55
CA ARG A 233 -30.69 11.17 -16.42
C ARG A 233 -29.21 11.48 -16.34
N PHE A 234 -28.61 11.24 -15.18
CA PHE A 234 -27.17 11.36 -15.06
C PHE A 234 -26.49 10.32 -15.95
N ASN A 235 -27.00 9.10 -15.91
CA ASN A 235 -26.47 8.00 -16.69
C ASN A 235 -26.43 8.30 -18.18
N GLU A 236 -27.41 9.05 -18.68
CA GLU A 236 -27.47 9.37 -20.10
C GLU A 236 -26.55 10.54 -20.44
N TRP A 237 -26.18 11.31 -19.42
CA TRP A 237 -25.16 12.34 -19.57
C TRP A 237 -23.77 11.73 -19.48
N ALA A 238 -23.61 10.81 -18.53
CA ALA A 238 -22.32 10.20 -18.22
C ALA A 238 -21.68 9.51 -19.43
N VAL A 239 -22.50 8.78 -20.18
CA VAL A 239 -22.02 7.95 -21.28
C VAL A 239 -21.38 8.79 -22.40
N HIS A 240 -21.74 10.06 -22.46
CA HIS A 240 -21.17 10.96 -23.48
C HIS A 240 -20.16 11.92 -22.90
N ASN A 241 -19.86 11.78 -21.61
CA ASN A 241 -18.89 12.65 -20.96
C ASN A 241 -17.78 11.88 -20.23
N GLY A 242 -17.50 10.67 -20.71
CA GLY A 242 -16.41 9.88 -20.17
C GLY A 242 -16.58 9.46 -18.73
N MET A 243 -17.79 9.05 -18.37
CA MET A 243 -18.05 8.50 -17.05
C MET A 243 -18.99 7.31 -17.17
N THR A 244 -18.87 6.35 -16.27
CA THR A 244 -19.68 5.14 -16.31
C THR A 244 -21.07 5.40 -15.73
N THR A 245 -21.98 4.46 -15.94
CA THR A 245 -23.34 4.60 -15.43
C THR A 245 -23.43 4.19 -13.96
N VAL A 246 -24.42 4.71 -13.27
CA VAL A 246 -24.63 4.40 -11.86
C VAL A 246 -25.72 3.35 -11.70
N GLY A 247 -25.44 2.34 -10.88
CA GLY A 247 -26.34 1.22 -10.69
C GLY A 247 -27.34 1.29 -9.56
N ASN A 248 -27.21 0.37 -8.61
CA ASN A 248 -28.21 0.13 -7.57
C ASN A 248 -28.27 1.21 -6.49
N THR A 249 -27.13 1.86 -6.24
CA THR A 249 -27.01 2.93 -5.24
C THR A 249 -27.39 2.56 -3.82
N ASP A 250 -27.76 1.30 -3.60
CA ASP A 250 -28.13 0.85 -2.26
C ASP A 250 -26.90 0.84 -1.37
N CYS A 251 -25.77 0.46 -1.97
CA CYS A 251 -24.49 0.41 -1.29
C CYS A 251 -24.01 1.75 -0.74
N PHE A 252 -24.72 2.82 -1.05
CA PHE A 252 -24.36 4.16 -0.56
C PHE A 252 -25.22 4.58 0.62
N SER A 253 -25.98 3.63 1.17
CA SER A 253 -26.89 3.94 2.28
C SER A 253 -26.14 4.31 3.54
N ILE A 254 -25.13 3.51 3.88
CA ILE A 254 -24.31 3.78 5.06
C ILE A 254 -23.64 5.14 4.97
N LEU A 255 -23.08 5.45 3.80
CA LEU A 255 -22.37 6.71 3.58
C LEU A 255 -23.34 7.90 3.56
N ALA A 256 -24.53 7.69 3.00
CA ALA A 256 -25.54 8.73 2.95
C ALA A 256 -26.02 9.06 4.37
N ALA A 257 -26.28 8.00 5.14
CA ALA A 257 -26.72 8.12 6.52
C ALA A 257 -25.72 8.90 7.36
N LYS A 258 -24.44 8.79 7.03
CA LYS A 258 -23.39 9.39 7.83
C LYS A 258 -23.19 10.86 7.46
N THR A 259 -23.69 11.24 6.28
CA THR A 259 -23.51 12.59 5.76
C THR A 259 -24.82 13.35 5.59
N GLY A 260 -25.92 12.60 5.51
CA GLY A 260 -27.23 13.21 5.27
C GLY A 260 -27.32 13.74 3.85
N VAL A 261 -26.46 13.23 2.98
CA VAL A 261 -26.42 13.65 1.58
C VAL A 261 -26.73 12.48 0.65
N ASP A 262 -27.67 12.68 -0.27
CA ASP A 262 -28.06 11.61 -1.19
C ASP A 262 -27.17 11.59 -2.43
N VAL A 263 -27.25 10.50 -3.17
CA VAL A 263 -26.48 10.33 -4.40
C VAL A 263 -26.81 11.39 -5.45
N GLN A 264 -28.10 11.66 -5.64
CA GLN A 264 -28.58 12.62 -6.62
C GLN A 264 -27.91 13.99 -6.55
N ARG A 265 -27.60 14.43 -5.33
CA ARG A 265 -26.98 15.72 -5.10
C ARG A 265 -25.47 15.63 -5.41
N LEU A 266 -24.88 14.47 -5.10
CA LEU A 266 -23.49 14.21 -5.44
C LEU A 266 -23.30 14.15 -6.95
N LEU A 267 -24.27 13.55 -7.64
CA LEU A 267 -24.25 13.48 -9.09
C LEU A 267 -24.23 14.90 -9.67
N ALA A 268 -24.98 15.79 -9.05
CA ALA A 268 -25.03 17.19 -9.47
C ALA A 268 -23.69 17.88 -9.26
N SER A 269 -23.05 17.58 -8.13
CA SER A 269 -21.73 18.12 -7.85
C SER A 269 -20.72 17.63 -8.89
N ILE A 270 -20.81 16.34 -9.22
CA ILE A 270 -19.94 15.74 -10.23
C ILE A 270 -20.02 16.45 -11.57
N GLN A 271 -21.23 16.74 -12.03
CA GLN A 271 -21.43 17.38 -13.33
C GLN A 271 -20.82 18.76 -13.41
N SER A 272 -20.90 19.50 -12.30
CA SER A 272 -20.32 20.84 -12.25
C SER A 272 -18.80 20.75 -12.10
N LEU A 273 -18.34 19.61 -11.61
CA LEU A 273 -16.91 19.43 -11.33
C LEU A 273 -16.13 18.82 -12.49
N HIS A 274 -16.68 17.76 -13.08
CA HIS A 274 -16.00 16.99 -14.13
C HIS A 274 -15.25 17.79 -15.18
N LYS A 275 -13.93 17.56 -15.23
CA LYS A 275 -13.01 18.30 -16.11
C LYS A 275 -13.17 19.81 -16.06
N ASN A 276 -13.52 20.33 -14.89
CA ASN A 276 -13.61 21.76 -14.66
C ASN A 276 -13.54 22.05 -13.18
N PHE A 277 -12.42 21.67 -12.57
CA PHE A 277 -12.17 22.00 -11.18
C PHE A 277 -11.60 23.41 -11.16
N GLY A 278 -11.65 24.07 -10.01
CA GLY A 278 -11.03 25.37 -9.90
C GLY A 278 -9.53 25.22 -9.75
N GLY A 279 -8.99 25.94 -8.77
CA GLY A 279 -7.62 25.71 -8.37
C GLY A 279 -7.63 25.01 -7.02
N LYS A 280 -8.83 24.90 -6.45
CA LYS A 280 -9.08 24.14 -5.23
C LYS A 280 -8.87 22.67 -5.37
N GLN A 281 -8.59 22.06 -4.23
CA GLN A 281 -8.47 20.63 -4.12
C GLN A 281 -9.48 20.03 -3.16
N ILE A 282 -9.62 18.71 -3.27
CA ILE A 282 -10.53 17.92 -2.46
C ILE A 282 -9.72 16.75 -1.93
N LEU A 283 -9.47 16.75 -0.62
CA LEU A 283 -8.59 15.77 0.02
C LEU A 283 -7.24 15.64 -0.68
N GLY A 284 -6.72 16.76 -1.17
CA GLY A 284 -5.45 16.77 -1.86
C GLY A 284 -5.51 16.28 -3.29
N HIS A 285 -6.72 16.21 -3.84
CA HIS A 285 -6.92 15.78 -5.23
C HIS A 285 -7.33 16.96 -6.10
N THR A 286 -6.75 17.06 -7.29
CA THR A 286 -7.04 18.17 -8.20
C THR A 286 -8.10 17.80 -9.23
N SER A 287 -8.50 16.54 -9.22
CA SER A 287 -9.53 16.04 -10.11
C SER A 287 -10.30 14.94 -9.41
N LEU A 288 -11.36 14.45 -10.03
CA LEU A 288 -12.12 13.35 -9.46
C LEU A 288 -11.33 12.05 -9.57
N THR A 289 -11.22 11.33 -8.47
CA THR A 289 -10.43 10.10 -8.47
C THR A 289 -11.30 8.87 -8.57
N ASP A 290 -10.75 7.85 -9.22
CA ASP A 290 -11.47 6.64 -9.59
C ASP A 290 -11.07 5.50 -8.66
N GLU A 291 -10.16 5.82 -7.74
CA GLU A 291 -9.34 4.84 -7.06
C GLU A 291 -10.05 4.02 -6.00
N PHE A 292 -10.97 4.64 -5.28
CA PHE A 292 -11.56 4.03 -4.09
C PHE A 292 -13.01 3.60 -4.27
N THR A 293 -13.32 2.38 -3.85
CA THR A 293 -14.69 1.86 -3.89
C THR A 293 -15.44 2.26 -2.63
N THR A 294 -16.76 2.11 -2.65
CA THR A 294 -17.58 2.35 -1.46
C THR A 294 -17.15 1.44 -0.33
N GLY A 295 -16.88 0.19 -0.67
CA GLY A 295 -16.35 -0.78 0.27
C GLY A 295 -15.10 -0.29 0.99
N GLU A 296 -14.11 0.17 0.23
CA GLU A 296 -12.87 0.66 0.81
C GLU A 296 -13.11 1.89 1.70
N VAL A 297 -13.97 2.79 1.26
CA VAL A 297 -14.25 4.02 1.99
C VAL A 297 -14.95 3.69 3.30
N VAL A 298 -15.95 2.82 3.25
CA VAL A 298 -16.70 2.43 4.44
C VAL A 298 -15.79 1.69 5.41
N ARG A 299 -14.99 0.77 4.89
CA ARG A 299 -14.04 0.00 5.68
C ARG A 299 -13.00 0.86 6.38
N GLN A 300 -12.51 1.88 5.69
CA GLN A 300 -11.42 2.71 6.20
C GLN A 300 -11.89 3.77 7.20
N MET A 301 -13.13 4.23 7.05
CA MET A 301 -13.65 5.26 7.95
C MET A 301 -14.34 4.68 9.20
N TYR A 302 -14.97 3.51 9.05
CA TYR A 302 -15.80 2.99 10.15
C TYR A 302 -15.47 1.54 10.53
N GLY A 303 -14.75 0.84 9.65
CA GLY A 303 -14.31 -0.51 9.95
C GLY A 303 -15.40 -1.56 9.86
N VAL A 304 -16.44 -1.27 9.11
CA VAL A 304 -17.51 -2.24 8.88
C VAL A 304 -17.50 -2.62 7.41
N ASN A 305 -18.03 -3.79 7.09
CA ASN A 305 -18.10 -4.24 5.71
C ASN A 305 -19.52 -4.49 5.24
N GLY B 7 4.92 6.36 -12.86
CA GLY B 7 4.58 7.07 -11.64
C GLY B 7 5.34 6.56 -10.43
N LEU B 8 5.03 7.12 -9.27
CA LEU B 8 5.70 6.71 -8.03
C LEU B 8 4.71 6.31 -6.94
N ARG B 9 4.73 5.02 -6.57
CA ARG B 9 3.86 4.47 -5.55
C ARG B 9 4.51 4.28 -4.19
N LYS B 10 3.79 4.63 -3.13
CA LYS B 10 4.12 4.12 -1.80
C LYS B 10 3.73 2.65 -1.74
N MET B 11 4.72 1.80 -1.52
CA MET B 11 4.49 0.37 -1.42
C MET B 11 4.86 -0.13 -0.03
N ALA B 12 4.27 -1.23 0.36
CA ALA B 12 4.64 -1.90 1.60
C ALA B 12 5.41 -3.16 1.26
N GLN B 13 6.31 -3.55 2.16
CA GLN B 13 6.95 -4.85 2.06
C GLN B 13 5.92 -5.93 2.43
N PRO B 14 6.11 -7.16 1.94
CA PRO B 14 5.17 -8.24 2.25
C PRO B 14 5.00 -8.46 3.76
N SER B 15 3.78 -8.67 4.22
CA SER B 15 3.47 -8.61 5.65
C SER B 15 3.37 -9.96 6.34
N GLY B 16 3.48 -11.05 5.56
CA GLY B 16 3.26 -12.38 6.07
C GLY B 16 4.03 -12.76 7.31
N VAL B 17 5.29 -12.35 7.36
CA VAL B 17 6.16 -12.71 8.47
C VAL B 17 5.70 -12.06 9.78
N VAL B 18 5.01 -10.92 9.67
CA VAL B 18 4.55 -10.20 10.85
C VAL B 18 3.10 -10.57 11.24
N GLU B 19 2.30 -10.97 10.25
CA GLU B 19 0.87 -11.26 10.45
C GLU B 19 0.53 -12.26 11.55
N LYS B 20 1.40 -13.24 11.77
CA LYS B 20 1.12 -14.31 12.71
C LYS B 20 1.61 -13.99 14.11
N CYS B 21 2.12 -12.79 14.29
CA CYS B 21 2.56 -12.29 15.59
C CYS B 21 1.51 -11.36 16.19
N ILE B 22 0.42 -11.14 15.46
CA ILE B 22 -0.58 -10.20 15.93
C ILE B 22 -1.63 -10.90 16.78
N VAL B 23 -1.99 -10.31 17.91
CA VAL B 23 -2.99 -10.89 18.77
C VAL B 23 -3.95 -9.87 19.28
N ARG B 24 -5.02 -10.36 19.82
CA ARG B 24 -6.02 -9.53 20.48
C ARG B 24 -5.77 -9.47 21.98
N VAL B 25 -5.66 -8.27 22.52
CA VAL B 25 -5.50 -8.11 23.96
C VAL B 25 -6.70 -7.37 24.52
N CYS B 26 -7.57 -8.11 25.21
CA CYS B 26 -8.75 -7.50 25.82
C CYS B 26 -8.61 -7.49 27.34
N TYR B 27 -8.72 -6.30 27.91
CA TYR B 27 -8.75 -6.15 29.36
C TYR B 27 -10.01 -5.41 29.77
N GLY B 28 -10.84 -6.05 30.59
CA GLY B 28 -12.14 -5.49 30.93
C GLY B 28 -13.01 -5.27 29.72
N ASN B 29 -13.27 -4.02 29.39
CA ASN B 29 -14.04 -3.70 28.20
C ASN B 29 -13.18 -3.08 27.09
N MET B 30 -11.91 -2.88 27.41
CA MET B 30 -10.96 -2.35 26.42
C MET B 30 -10.34 -3.49 25.61
N ALA B 31 -10.34 -3.35 24.29
CA ALA B 31 -9.72 -4.34 23.42
C ALA B 31 -8.90 -3.67 22.32
N LEU B 32 -7.65 -4.09 22.20
CA LEU B 32 -6.78 -3.61 21.13
C LEU B 32 -5.86 -4.71 20.62
N ASN B 33 -4.80 -4.32 19.94
CA ASN B 33 -3.88 -5.28 19.34
C ASN B 33 -2.57 -5.36 20.10
N GLY B 34 -2.00 -6.56 20.16
CA GLY B 34 -0.73 -6.76 20.83
C GLY B 34 0.25 -7.45 19.89
N LEU B 35 1.54 -7.31 20.18
CA LEU B 35 2.56 -7.94 19.36
C LEU B 35 3.08 -9.17 20.09
N TRP B 36 2.96 -10.31 19.44
CA TRP B 36 3.05 -11.61 20.09
C TRP B 36 4.30 -12.34 19.58
N LEU B 37 5.40 -12.12 20.30
CA LEU B 37 6.72 -12.61 19.92
C LEU B 37 7.29 -13.48 21.04
N GLY B 38 7.66 -14.71 20.70
CA GLY B 38 8.14 -15.63 21.71
C GLY B 38 6.98 -15.99 22.62
N ASP B 39 7.19 -15.85 23.93
CA ASP B 39 6.13 -16.06 24.90
C ASP B 39 5.72 -14.75 25.56
N ILE B 40 5.97 -13.64 24.87
CA ILE B 40 5.66 -12.32 25.38
C ILE B 40 4.76 -11.54 24.42
N VAL B 41 3.80 -10.81 24.98
CA VAL B 41 2.92 -9.96 24.18
C VAL B 41 3.11 -8.49 24.53
N MET B 42 3.56 -7.71 23.57
CA MET B 42 3.68 -6.26 23.74
C MET B 42 2.42 -5.55 23.27
N CYS B 43 1.94 -4.61 24.08
CA CYS B 43 0.76 -3.84 23.71
C CYS B 43 0.74 -2.50 24.44
N PRO B 44 -0.04 -1.53 23.95
CA PRO B 44 -0.17 -0.24 24.63
C PRO B 44 -0.73 -0.39 26.04
N ARG B 45 -0.11 0.30 27.00
CA ARG B 45 -0.45 0.19 28.40
C ARG B 45 -1.87 0.66 28.73
N HIS B 46 -2.41 1.57 27.91
CA HIS B 46 -3.72 2.14 28.21
C HIS B 46 -4.88 1.15 28.11
N VAL B 47 -4.58 -0.08 27.69
CA VAL B 47 -5.57 -1.15 27.64
C VAL B 47 -6.10 -1.49 29.05
N ILE B 48 -5.30 -1.19 30.08
CA ILE B 48 -5.66 -1.49 31.46
C ILE B 48 -6.27 -0.29 32.16
N ALA B 49 -6.44 0.79 31.42
CA ALA B 49 -7.04 2.01 31.97
C ALA B 49 -8.56 1.89 31.89
N SER B 50 -9.25 2.64 32.73
CA SER B 50 -10.70 2.58 32.78
C SER B 50 -11.27 3.79 32.09
N SER B 51 -10.38 4.72 31.77
CA SER B 51 -10.81 5.94 31.11
C SER B 51 -9.97 6.12 29.86
N THR B 52 -10.61 6.62 28.82
CA THR B 52 -9.94 6.86 27.55
C THR B 52 -10.04 8.33 27.16
N THR B 53 -10.91 9.07 27.85
CA THR B 53 -11.19 10.46 27.47
C THR B 53 -10.78 11.43 28.57
N SER B 54 -10.38 10.88 29.72
CA SER B 54 -9.89 11.68 30.83
C SER B 54 -8.48 11.17 31.15
N THR B 55 -7.67 12.01 31.78
CA THR B 55 -6.29 11.65 32.11
C THR B 55 -6.20 10.36 32.91
N ILE B 56 -5.13 9.60 32.69
CA ILE B 56 -4.94 8.30 33.31
C ILE B 56 -3.77 8.24 34.29
N ASP B 57 -4.03 7.74 35.50
CA ASP B 57 -2.98 7.44 36.46
C ASP B 57 -2.53 6.00 36.23
N TYR B 58 -1.44 5.83 35.51
CA TYR B 58 -1.01 4.49 35.10
C TYR B 58 -0.39 3.67 36.23
N ASP B 59 0.24 4.33 37.19
CA ASP B 59 0.83 3.64 38.33
C ASP B 59 -0.25 3.03 39.22
N TYR B 60 -1.38 3.73 39.32
CA TYR B 60 -2.51 3.22 40.08
C TYR B 60 -3.19 2.09 39.30
N ALA B 61 -3.30 2.28 37.99
CA ALA B 61 -3.92 1.30 37.11
C ALA B 61 -3.15 -0.02 37.15
N LEU B 62 -1.83 0.08 37.26
CA LEU B 62 -0.97 -1.09 37.34
C LEU B 62 -1.16 -1.85 38.65
N SER B 63 -1.41 -1.12 39.72
CA SER B 63 -1.57 -1.72 41.05
C SER B 63 -2.92 -2.41 41.20
N VAL B 64 -3.90 -2.00 40.41
CA VAL B 64 -5.26 -2.52 40.50
C VAL B 64 -5.42 -3.71 39.54
N LEU B 65 -4.44 -3.85 38.64
CA LEU B 65 -4.45 -4.87 37.60
C LEU B 65 -4.69 -6.28 38.12
N ARG B 66 -5.63 -6.98 37.48
CA ARG B 66 -5.89 -8.38 37.78
C ARG B 66 -5.68 -9.23 36.54
N LEU B 67 -4.81 -10.23 36.64
CA LEU B 67 -4.41 -11.03 35.49
C LEU B 67 -5.55 -11.83 34.88
N HIS B 68 -6.53 -12.21 35.70
CA HIS B 68 -7.65 -13.00 35.23
C HIS B 68 -8.68 -12.17 34.46
N ASN B 69 -8.51 -10.85 34.48
CA ASN B 69 -9.36 -9.95 33.70
C ASN B 69 -8.85 -9.80 32.27
N PHE B 70 -7.67 -10.36 32.03
CA PHE B 70 -7.10 -10.40 30.69
C PHE B 70 -7.69 -11.54 29.86
N SER B 71 -7.98 -11.24 28.60
CA SER B 71 -8.23 -12.28 27.63
C SER B 71 -7.39 -11.99 26.39
N ILE B 72 -6.45 -12.88 26.12
CA ILE B 72 -5.53 -12.72 25.01
C ILE B 72 -5.74 -13.86 24.02
N SER B 73 -5.87 -13.53 22.75
CA SER B 73 -6.18 -14.54 21.75
C SER B 73 -5.41 -14.37 20.45
N SER B 74 -5.04 -15.50 19.87
CA SER B 74 -4.49 -15.54 18.52
C SER B 74 -5.48 -16.29 17.65
N GLY B 75 -6.20 -15.54 16.82
CA GLY B 75 -7.35 -16.12 16.12
C GLY B 75 -8.41 -16.46 17.15
N ASN B 76 -8.89 -17.69 17.13
CA ASN B 76 -9.82 -18.12 18.17
C ASN B 76 -9.13 -18.98 19.23
N VAL B 77 -7.79 -18.91 19.26
CA VAL B 77 -6.99 -19.62 20.24
C VAL B 77 -6.62 -18.68 21.38
N PHE B 78 -7.10 -18.96 22.59
CA PHE B 78 -6.89 -18.08 23.73
C PHE B 78 -5.62 -18.41 24.52
N LEU B 79 -4.96 -17.36 25.00
CA LEU B 79 -3.68 -17.49 25.69
C LEU B 79 -3.75 -17.05 27.15
N GLY B 80 -3.45 -17.98 28.06
CA GLY B 80 -3.45 -17.69 29.48
C GLY B 80 -2.36 -16.71 29.86
N VAL B 81 -2.71 -15.70 30.65
CA VAL B 81 -1.74 -14.69 31.06
C VAL B 81 -0.96 -15.13 32.29
N VAL B 82 0.37 -15.02 32.21
CA VAL B 82 1.24 -15.44 33.30
C VAL B 82 1.59 -14.25 34.20
N SER B 83 2.18 -13.22 33.61
CA SER B 83 2.55 -12.02 34.36
C SER B 83 2.56 -10.77 33.47
N ALA B 84 2.66 -9.60 34.10
CA ALA B 84 2.70 -8.35 33.34
C ALA B 84 3.56 -7.28 34.04
N THR B 85 4.36 -6.58 33.24
CA THR B 85 5.17 -5.49 33.76
C THR B 85 5.04 -4.28 32.83
N MET B 86 5.26 -3.08 33.36
CA MET B 86 5.09 -1.87 32.58
C MET B 86 6.44 -1.37 32.06
N ARG B 87 6.47 -1.04 30.77
CA ARG B 87 7.69 -0.63 30.09
C ARG B 87 7.45 0.58 29.19
N GLY B 88 7.53 1.77 29.78
CA GLY B 88 7.21 2.99 29.06
C GLY B 88 5.73 3.04 28.76
N ALA B 89 5.40 3.19 27.48
CA ALA B 89 3.99 3.24 27.07
C ALA B 89 3.47 1.85 26.74
N LEU B 90 4.20 0.82 27.15
CA LEU B 90 3.85 -0.57 26.84
C LEU B 90 3.68 -1.45 28.07
N LEU B 91 3.15 -2.65 27.85
CA LEU B 91 3.16 -3.72 28.84
C LEU B 91 3.90 -4.92 28.28
N GLN B 92 4.73 -5.57 29.10
CA GLN B 92 5.28 -6.86 28.69
C GLN B 92 4.35 -7.94 29.22
N ILE B 93 3.64 -8.68 28.38
CA ILE B 93 2.78 -9.73 28.95
C ILE B 93 3.28 -11.15 28.65
N LYS B 94 3.61 -11.90 29.70
CA LYS B 94 4.03 -13.30 29.59
C LYS B 94 2.82 -14.26 29.54
N VAL B 95 2.86 -15.16 28.57
CA VAL B 95 1.78 -16.09 28.34
C VAL B 95 2.27 -17.51 28.41
N ASN B 96 1.34 -18.43 28.45
CA ASN B 96 1.63 -19.83 28.56
C ASN B 96 2.28 -20.55 27.39
N GLN B 97 2.64 -19.87 26.30
CA GLN B 97 3.29 -20.56 25.19
C GLN B 97 4.02 -19.72 24.18
N ASN B 98 5.08 -20.28 23.57
CA ASN B 98 5.78 -19.55 22.54
C ASN B 98 5.02 -19.45 21.24
N ASN B 99 5.17 -18.32 20.57
CA ASN B 99 4.70 -18.17 19.21
C ASN B 99 5.66 -18.92 18.29
N VAL B 100 5.24 -20.11 17.87
CA VAL B 100 6.03 -20.97 16.99
C VAL B 100 6.46 -20.24 15.71
N HIS B 101 5.65 -19.29 15.28
CA HIS B 101 5.93 -18.56 14.04
C HIS B 101 6.67 -17.24 14.30
N THR B 102 7.30 -17.12 15.47
CA THR B 102 8.12 -15.96 15.78
C THR B 102 9.28 -15.82 14.80
N PRO B 103 9.39 -14.66 14.15
CA PRO B 103 10.46 -14.42 13.18
C PRO B 103 11.77 -13.99 13.84
N LYS B 104 12.83 -13.99 13.05
CA LYS B 104 14.06 -13.32 13.43
C LYS B 104 13.77 -11.82 13.47
N TYR B 105 13.91 -11.22 14.64
CA TYR B 105 13.57 -9.81 14.78
C TYR B 105 14.54 -9.04 15.66
N THR B 106 14.47 -7.71 15.58
CA THR B 106 15.20 -6.82 16.46
C THR B 106 14.32 -5.62 16.78
N TYR B 107 14.71 -4.84 17.78
CA TYR B 107 14.07 -3.56 18.05
C TYR B 107 14.92 -2.45 17.44
N ARG B 108 14.27 -1.50 16.77
CA ARG B 108 14.97 -0.34 16.20
C ARG B 108 14.10 0.91 16.24
N THR B 109 14.67 2.01 16.74
CA THR B 109 13.96 3.29 16.75
C THR B 109 14.17 4.05 15.44
N VAL B 110 13.08 4.46 14.80
CA VAL B 110 13.17 5.15 13.52
C VAL B 110 13.67 6.58 13.67
N ARG B 111 14.41 7.03 12.66
CA ARG B 111 14.85 8.41 12.57
C ARG B 111 13.95 9.16 11.61
N PRO B 112 13.82 10.49 11.78
CA PRO B 112 13.06 11.31 10.82
C PRO B 112 13.54 11.14 9.39
N GLY B 113 12.60 11.07 8.45
CA GLY B 113 12.94 10.89 7.05
C GLY B 113 12.92 9.43 6.60
N GLU B 114 13.07 8.52 7.55
CA GLU B 114 13.11 7.10 7.25
C GLU B 114 11.72 6.52 7.02
N SER B 115 11.63 5.56 6.10
CA SER B 115 10.36 4.91 5.79
C SER B 115 10.27 3.54 6.46
N PHE B 116 9.05 3.12 6.76
CA PHE B 116 8.80 1.77 7.25
C PHE B 116 7.38 1.34 6.93
N ASN B 117 7.05 0.11 7.31
CA ASN B 117 5.74 -0.43 7.01
C ASN B 117 4.81 -0.40 8.22
N ILE B 118 3.53 -0.17 7.96
CA ILE B 118 2.52 -0.28 9.00
C ILE B 118 1.58 -1.40 8.66
N LEU B 119 1.39 -2.31 9.61
CA LEU B 119 0.40 -3.34 9.47
C LEU B 119 -0.79 -2.95 10.34
N ALA B 120 -1.79 -2.33 9.73
CA ALA B 120 -2.99 -1.89 10.45
C ALA B 120 -3.79 -3.09 10.95
N CYS B 121 -3.99 -3.14 12.26
CA CYS B 121 -4.66 -4.28 12.89
C CYS B 121 -5.91 -3.88 13.66
N TYR B 122 -6.87 -4.78 13.72
CA TYR B 122 -8.10 -4.56 14.46
C TYR B 122 -8.58 -5.85 15.11
N ASP B 123 -8.83 -5.80 16.41
CA ASP B 123 -9.29 -6.96 17.18
C ASP B 123 -8.32 -8.12 17.12
N GLY B 124 -7.03 -7.83 17.00
CA GLY B 124 -6.00 -8.86 16.97
C GLY B 124 -5.79 -9.48 15.61
N ALA B 125 -6.39 -8.89 14.58
CA ALA B 125 -6.21 -9.38 13.21
C ALA B 125 -5.68 -8.30 12.28
N ALA B 126 -4.71 -8.66 11.44
CA ALA B 126 -4.20 -7.75 10.43
C ALA B 126 -5.28 -7.45 9.39
N ALA B 127 -5.50 -6.18 9.11
CA ALA B 127 -6.54 -5.78 8.17
C ALA B 127 -5.98 -5.12 6.92
N GLY B 128 -4.87 -4.40 7.07
CA GLY B 128 -4.26 -3.71 5.95
C GLY B 128 -2.79 -3.41 6.18
N VAL B 129 -2.05 -3.28 5.08
CA VAL B 129 -0.64 -2.95 5.14
C VAL B 129 -0.29 -1.84 4.14
N TYR B 130 0.47 -0.85 4.62
CA TYR B 130 0.87 0.28 3.79
C TYR B 130 2.17 0.90 4.29
N GLY B 131 2.86 1.60 3.39
CA GLY B 131 4.10 2.25 3.74
C GLY B 131 3.92 3.66 4.25
N VAL B 132 4.73 4.05 5.22
CA VAL B 132 4.69 5.40 5.78
C VAL B 132 6.11 5.93 5.91
N ASN B 133 6.22 7.22 6.24
CA ASN B 133 7.51 7.87 6.42
C ASN B 133 7.51 8.71 7.69
N MET B 134 8.53 8.51 8.53
CA MET B 134 8.63 9.26 9.78
C MET B 134 9.01 10.72 9.52
N ARG B 135 8.13 11.63 9.92
CA ARG B 135 8.35 13.05 9.69
C ARG B 135 9.23 13.66 10.80
N SER B 136 9.77 14.84 10.54
CA SER B 136 10.68 15.49 11.50
C SER B 136 9.96 15.76 12.81
N ASN B 137 8.65 15.93 12.72
CA ASN B 137 7.72 15.90 13.84
C ASN B 137 7.85 14.73 14.80
N TYR B 138 8.44 13.64 14.31
CA TYR B 138 8.35 12.32 14.94
C TYR B 138 6.90 11.86 14.98
N THR B 139 6.14 12.31 13.99
CA THR B 139 4.78 11.81 13.77
C THR B 139 4.68 11.17 12.39
N ILE B 140 3.58 10.45 12.17
CA ILE B 140 3.32 9.86 10.86
C ILE B 140 1.89 10.13 10.43
N ARG B 141 1.67 10.14 9.13
CA ARG B 141 0.32 10.22 8.59
C ARG B 141 -0.18 8.84 8.26
N GLY B 142 -0.63 8.13 9.29
CA GLY B 142 -1.18 6.80 9.13
C GLY B 142 -2.65 6.84 8.78
N SER B 143 -3.25 5.67 8.67
CA SER B 143 -4.70 5.56 8.56
C SER B 143 -5.19 4.62 9.64
N PHE B 144 -5.66 5.21 10.74
CA PHE B 144 -6.08 4.45 11.90
C PHE B 144 -7.45 4.92 12.37
N ILE B 145 -8.27 3.97 12.79
CA ILE B 145 -9.53 4.32 13.43
C ILE B 145 -9.55 3.61 14.77
N ASN B 146 -10.67 3.69 15.48
CA ASN B 146 -10.80 3.04 16.77
C ASN B 146 -10.48 1.55 16.71
N GLY B 147 -9.65 1.09 17.65
CA GLY B 147 -9.28 -0.31 17.72
C GLY B 147 -7.92 -0.61 17.12
N ALA B 148 -7.33 0.39 16.47
CA ALA B 148 -6.08 0.20 15.74
C ALA B 148 -4.85 0.20 16.63
N CYS B 149 -5.01 0.61 17.88
CA CYS B 149 -3.86 0.76 18.78
C CYS B 149 -3.14 -0.57 18.98
N GLY B 150 -1.82 -0.52 19.01
CA GLY B 150 -1.01 -1.72 19.08
C GLY B 150 -0.58 -2.24 17.71
N SER B 151 -1.11 -1.66 16.65
CA SER B 151 -0.67 -2.00 15.29
C SER B 151 0.84 -1.77 15.16
N PRO B 152 1.56 -2.76 14.63
CA PRO B 152 3.02 -2.66 14.60
C PRO B 152 3.57 -1.94 13.38
N GLY B 153 4.70 -1.26 13.57
CA GLY B 153 5.45 -0.70 12.46
C GLY B 153 6.73 -1.50 12.35
N TYR B 154 7.18 -1.77 11.13
CA TYR B 154 8.30 -2.67 10.92
C TYR B 154 9.05 -2.42 9.62
N ASN B 155 10.27 -2.96 9.54
CA ASN B 155 11.03 -3.00 8.31
C ASN B 155 11.66 -4.39 8.15
N ILE B 156 11.62 -4.93 6.94
CA ILE B 156 12.24 -6.22 6.68
C ILE B 156 13.59 -6.02 6.01
N ASN B 157 14.65 -6.38 6.72
CA ASN B 157 16.01 -6.13 6.27
C ASN B 157 16.85 -7.41 6.31
N ASN B 158 17.06 -8.00 5.14
CA ASN B 158 17.88 -9.21 5.02
C ASN B 158 17.42 -10.35 5.93
N GLY B 159 16.12 -10.68 5.84
CA GLY B 159 15.55 -11.75 6.63
C GLY B 159 15.18 -11.36 8.04
N THR B 160 15.62 -10.18 8.47
CA THR B 160 15.36 -9.72 9.83
C THR B 160 14.24 -8.67 9.88
N VAL B 161 13.28 -8.89 10.76
CA VAL B 161 12.21 -7.93 10.97
C VAL B 161 12.60 -6.91 12.03
N GLU B 162 12.63 -5.65 11.65
CA GLU B 162 12.96 -4.59 12.60
C GLU B 162 11.68 -3.91 13.06
N PHE B 163 11.23 -4.26 14.26
CA PHE B 163 10.03 -3.63 14.82
C PHE B 163 10.38 -2.26 15.37
N CYS B 164 9.61 -1.25 14.96
CA CYS B 164 9.98 0.12 15.25
C CYS B 164 8.82 0.98 15.74
N TYR B 165 7.63 0.40 15.80
CA TYR B 165 6.45 1.21 16.05
C TYR B 165 5.28 0.37 16.56
N LEU B 166 4.60 0.88 17.59
CA LEU B 166 3.31 0.36 18.04
C LEU B 166 2.35 1.54 18.19
N HIS B 167 1.24 1.52 17.46
CA HIS B 167 0.36 2.68 17.42
C HIS B 167 -0.26 3.01 18.77
N GLN B 168 -0.26 4.29 19.11
CA GLN B 168 -0.71 4.76 20.41
C GLN B 168 -1.80 5.82 20.32
N LEU B 169 -1.67 6.75 19.38
CA LEU B 169 -2.34 8.04 19.49
C LEU B 169 -2.61 8.74 18.17
N GLU B 170 -3.74 9.42 18.09
CA GLU B 170 -4.04 10.31 16.97
C GLU B 170 -4.17 11.74 17.48
N LEU B 171 -3.30 12.63 17.01
CA LEU B 171 -3.38 14.04 17.40
C LEU B 171 -4.55 14.72 16.70
N GLY B 172 -4.92 15.91 17.19
CA GLY B 172 -6.06 16.64 16.66
C GLY B 172 -5.94 16.96 15.18
N SER B 173 -4.71 17.04 14.69
CA SER B 173 -4.45 17.36 13.29
C SER B 173 -4.72 16.17 12.36
N GLY B 174 -4.92 15.00 12.95
CA GLY B 174 -5.24 13.81 12.17
C GLY B 174 -4.05 12.89 11.98
N CYS B 175 -2.86 13.37 12.32
CA CYS B 175 -1.64 12.59 12.20
C CYS B 175 -1.49 11.68 13.42
N HIS B 176 -0.51 10.76 13.37
CA HIS B 176 -0.44 9.71 14.37
C HIS B 176 0.92 9.58 15.04
N VAL B 177 0.88 9.11 16.28
CA VAL B 177 2.07 8.91 17.07
C VAL B 177 2.01 7.52 17.70
N GLY B 178 3.15 6.84 17.70
CA GLY B 178 3.26 5.57 18.39
C GLY B 178 4.49 5.60 19.28
N SER B 179 4.73 4.51 19.98
CA SER B 179 5.98 4.36 20.71
C SER B 179 6.81 3.34 19.97
N ASP B 180 8.12 3.33 20.22
CA ASP B 180 8.95 2.25 19.71
C ASP B 180 8.75 1.05 20.63
N LEU B 181 9.45 -0.04 20.37
CA LEU B 181 9.24 -1.25 21.12
C LEU B 181 9.94 -1.20 22.48
N ASP B 182 10.59 -0.08 22.76
CA ASP B 182 11.17 0.17 24.07
C ASP B 182 10.21 0.93 24.98
N GLY B 183 9.08 1.34 24.44
CA GLY B 183 8.05 2.01 25.22
C GLY B 183 8.15 3.51 25.15
N VAL B 184 9.18 3.99 24.46
CA VAL B 184 9.42 5.42 24.33
C VAL B 184 8.54 6.05 23.26
N MET B 185 7.68 6.97 23.67
CA MET B 185 6.84 7.71 22.73
C MET B 185 7.71 8.57 21.80
N TYR B 186 7.48 8.44 20.50
CA TYR B 186 8.18 9.27 19.53
C TYR B 186 7.86 10.75 19.76
N GLY B 187 8.87 11.59 19.58
CA GLY B 187 8.69 13.02 19.72
C GLY B 187 8.34 13.48 21.12
N GLY B 188 8.61 12.63 22.10
CA GLY B 188 8.32 12.95 23.48
C GLY B 188 6.84 13.22 23.75
N TYR B 189 5.97 12.69 22.90
CA TYR B 189 4.54 12.86 23.11
C TYR B 189 4.05 12.09 24.33
N GLU B 190 2.84 12.41 24.77
CA GLU B 190 2.34 11.91 26.04
C GLU B 190 1.21 10.89 25.88
N ASP B 191 1.25 9.87 26.70
CA ASP B 191 0.31 8.80 26.76
C ASP B 191 -1.06 9.16 27.34
N GLN B 192 -1.53 10.36 27.09
CA GLN B 192 -2.76 10.84 27.72
C GLN B 192 -3.69 11.47 26.69
N PRO B 193 -4.98 11.60 27.02
CA PRO B 193 -5.92 12.28 26.11
C PRO B 193 -5.92 13.79 26.30
N THR B 194 -4.76 14.35 26.58
CA THR B 194 -4.62 15.79 26.78
C THR B 194 -4.48 16.53 25.45
N LEU B 195 -4.83 17.82 25.45
CA LEU B 195 -4.66 18.66 24.29
C LEU B 195 -3.20 18.73 23.88
N GLN B 196 -2.88 18.13 22.74
CA GLN B 196 -1.50 18.09 22.27
C GLN B 196 -1.43 18.48 20.79
N VAL B 197 -0.98 19.70 20.54
CA VAL B 197 -0.90 20.22 19.18
C VAL B 197 0.31 19.63 18.47
N GLU B 198 0.09 19.13 17.26
CA GLU B 198 1.19 18.60 16.45
C GLU B 198 2.26 19.68 16.25
N GLY B 199 3.47 19.38 16.72
CA GLY B 199 4.60 20.28 16.55
C GLY B 199 4.85 20.67 15.11
N ALA B 200 5.64 21.72 14.91
CA ALA B 200 6.04 22.10 13.57
C ALA B 200 6.94 21.03 12.96
N SER B 201 6.81 20.83 11.66
CA SER B 201 7.66 19.88 10.95
C SER B 201 8.22 20.49 9.67
N SER B 202 9.33 19.94 9.21
CA SER B 202 9.96 20.43 7.98
C SER B 202 9.98 19.35 6.91
N LEU B 203 9.93 19.78 5.65
CA LEU B 203 10.13 18.86 4.54
C LEU B 203 11.52 18.24 4.62
N PHE B 204 11.58 16.91 4.58
CA PHE B 204 12.86 16.21 4.60
C PHE B 204 13.46 16.32 3.19
N THR B 205 14.43 17.22 3.05
CA THR B 205 14.92 17.63 1.74
C THR B 205 15.51 16.48 0.94
N GLU B 206 16.17 15.54 1.61
CA GLU B 206 16.76 14.39 0.93
C GLU B 206 15.70 13.54 0.23
N ASN B 207 14.53 13.41 0.86
CA ASN B 207 13.41 12.71 0.24
C ASN B 207 12.83 13.52 -0.93
N VAL B 208 12.83 14.83 -0.78
CA VAL B 208 12.35 15.72 -1.82
C VAL B 208 13.25 15.61 -3.05
N LEU B 209 14.55 15.52 -2.82
CA LEU B 209 15.53 15.33 -3.89
C LEU B 209 15.26 14.03 -4.63
N ALA B 210 15.06 12.95 -3.86
CA ALA B 210 14.72 11.65 -4.44
C ALA B 210 13.49 11.75 -5.32
N PHE B 211 12.48 12.48 -4.86
CA PHE B 211 11.26 12.68 -5.63
C PHE B 211 11.51 13.39 -6.96
N LEU B 212 12.25 14.49 -6.91
CA LEU B 212 12.55 15.26 -8.11
C LEU B 212 13.41 14.45 -9.09
N TYR B 213 14.26 13.58 -8.56
CA TYR B 213 15.01 12.65 -9.39
C TYR B 213 14.08 11.69 -10.11
N ALA B 214 13.07 11.21 -9.40
CA ALA B 214 12.06 10.31 -9.98
C ALA B 214 11.32 11.02 -11.11
N ALA B 215 11.14 12.32 -10.96
CA ALA B 215 10.46 13.12 -11.97
C ALA B 215 11.32 13.26 -13.22
N LEU B 216 12.62 13.50 -13.02
CA LEU B 216 13.56 13.58 -14.13
C LEU B 216 13.57 12.29 -14.95
N ILE B 217 13.58 11.16 -14.25
CA ILE B 217 13.64 9.85 -14.88
C ILE B 217 12.41 9.57 -15.74
N ASN B 218 11.25 10.08 -15.32
CA ASN B 218 10.01 9.85 -16.05
C ASN B 218 9.57 11.04 -16.90
N GLY B 219 10.53 11.86 -17.32
CA GLY B 219 10.29 12.89 -18.32
C GLY B 219 9.75 14.23 -17.85
N SER B 220 9.81 14.47 -16.54
CA SER B 220 9.37 15.75 -16.00
C SER B 220 10.56 16.69 -15.78
N THR B 221 10.79 17.60 -16.73
CA THR B 221 11.96 18.48 -16.66
C THR B 221 11.69 19.98 -16.78
N TRP B 222 10.42 20.37 -16.80
CA TRP B 222 10.07 21.79 -16.97
C TRP B 222 10.58 22.64 -15.79
N TRP B 223 10.51 22.09 -14.59
CA TRP B 223 10.86 22.80 -13.37
C TRP B 223 12.36 22.87 -13.10
N LEU B 224 13.16 22.16 -13.88
CA LEU B 224 14.61 22.11 -13.64
C LEU B 224 15.16 23.53 -13.72
N SER B 225 15.95 23.91 -12.73
CA SER B 225 16.44 25.27 -12.68
C SER B 225 17.74 25.40 -13.44
N SER B 226 18.08 26.62 -13.83
CA SER B 226 19.28 26.81 -14.60
C SER B 226 20.43 27.05 -13.63
N SER B 227 20.10 27.46 -12.42
CA SER B 227 21.10 27.76 -11.40
C SER B 227 21.48 26.54 -10.59
N ARG B 228 22.40 26.74 -9.63
CA ARG B 228 22.86 25.67 -8.76
C ARG B 228 23.27 26.33 -7.45
N ILE B 229 23.10 25.62 -6.33
CA ILE B 229 23.59 26.12 -5.05
C ILE B 229 24.37 25.04 -4.30
N ALA B 230 25.37 25.44 -3.51
CA ALA B 230 26.12 24.48 -2.72
C ALA B 230 25.24 23.98 -1.58
N VAL B 231 25.45 22.71 -1.19
CA VAL B 231 24.68 22.12 -0.11
C VAL B 231 24.64 22.95 1.18
N ASP B 232 25.80 23.48 1.58
CA ASP B 232 25.91 24.23 2.83
C ASP B 232 25.29 25.62 2.74
N ARG B 233 25.18 26.17 1.53
CA ARG B 233 24.55 27.46 1.38
C ARG B 233 23.04 27.25 1.27
N PHE B 234 22.63 26.12 0.72
CA PHE B 234 21.23 25.71 0.76
C PHE B 234 20.78 25.43 2.19
N ASN B 235 21.62 24.72 2.93
CA ASN B 235 21.33 24.37 4.32
C ASN B 235 21.05 25.56 5.22
N GLU B 236 21.69 26.69 4.93
CA GLU B 236 21.50 27.89 5.74
C GLU B 236 20.19 28.57 5.34
N TRP B 237 19.72 28.28 4.14
CA TRP B 237 18.40 28.73 3.70
C TRP B 237 17.30 27.82 4.20
N ALA B 238 17.56 26.51 4.14
CA ALA B 238 16.56 25.48 4.46
C ALA B 238 16.01 25.63 5.88
N VAL B 239 16.90 25.92 6.82
CA VAL B 239 16.55 25.98 8.23
C VAL B 239 15.56 27.12 8.51
N HIS B 240 15.51 28.10 7.62
CA HIS B 240 14.60 29.23 7.78
C HIS B 240 13.39 29.13 6.86
N ASN B 241 13.30 28.06 6.09
CA ASN B 241 12.20 27.88 5.16
C ASN B 241 11.46 26.56 5.32
N GLY B 242 11.50 26.00 6.52
CA GLY B 242 10.77 24.79 6.83
C GLY B 242 11.24 23.58 6.04
N MET B 243 12.56 23.44 5.91
CA MET B 243 13.15 22.28 5.26
C MET B 243 14.38 21.83 6.03
N THR B 244 14.66 20.53 5.99
CA THR B 244 15.79 19.97 6.72
C THR B 244 17.08 20.18 5.93
N THR B 245 18.21 19.99 6.60
CA THR B 245 19.50 20.15 5.97
C THR B 245 19.87 18.90 5.19
N VAL B 246 20.73 19.06 4.20
CA VAL B 246 21.17 17.92 3.41
C VAL B 246 22.54 17.47 3.91
N GLY B 247 22.67 16.18 4.21
CA GLY B 247 23.95 15.69 4.69
C GLY B 247 24.70 15.18 3.49
N ASN B 248 25.11 13.92 3.52
CA ASN B 248 25.95 13.35 2.47
C ASN B 248 25.13 12.97 1.22
N THR B 249 25.55 13.50 0.07
CA THR B 249 24.85 13.27 -1.21
C THR B 249 25.29 12.02 -2.01
N ASP B 250 26.08 11.16 -1.40
CA ASP B 250 26.60 9.96 -2.08
C ASP B 250 25.48 9.04 -2.52
N CYS B 251 24.47 8.89 -1.65
CA CYS B 251 23.31 8.05 -1.95
C CYS B 251 22.56 8.49 -3.21
N PHE B 252 22.94 9.64 -3.74
CA PHE B 252 22.30 10.20 -4.92
C PHE B 252 23.12 9.92 -6.17
N SER B 253 24.14 9.07 -6.04
CA SER B 253 25.06 8.81 -7.15
C SER B 253 24.38 8.10 -8.31
N ILE B 254 23.64 7.04 -8.01
CA ILE B 254 22.91 6.30 -9.04
C ILE B 254 21.90 7.18 -9.77
N LEU B 255 21.15 7.96 -9.00
CA LEU B 255 20.10 8.81 -9.58
C LEU B 255 20.71 9.93 -10.41
N ALA B 256 21.84 10.47 -9.95
CA ALA B 256 22.55 11.50 -10.70
C ALA B 256 23.11 10.93 -12.00
N ALA B 257 23.71 9.74 -11.91
CA ALA B 257 24.29 9.08 -13.08
C ALA B 257 23.27 8.82 -14.19
N LYS B 258 22.03 8.54 -13.83
CA LYS B 258 21.00 8.22 -14.81
C LYS B 258 20.28 9.45 -15.36
N THR B 259 20.43 10.59 -14.71
CA THR B 259 19.75 11.79 -15.14
C THR B 259 20.75 12.84 -15.62
N GLY B 260 22.00 12.69 -15.19
CA GLY B 260 23.04 13.65 -15.51
C GLY B 260 22.79 14.96 -14.81
N VAL B 261 21.96 14.92 -13.77
CA VAL B 261 21.67 16.10 -12.97
C VAL B 261 22.14 15.85 -11.55
N ASP B 262 22.95 16.76 -11.04
CA ASP B 262 23.46 16.69 -9.67
C ASP B 262 22.55 17.41 -8.68
N VAL B 263 22.80 17.17 -7.40
CA VAL B 263 22.00 17.71 -6.31
C VAL B 263 21.96 19.24 -6.28
N GLN B 264 23.11 19.87 -6.49
CA GLN B 264 23.20 21.33 -6.45
C GLN B 264 22.16 22.03 -7.33
N ARG B 265 21.87 21.43 -8.50
CA ARG B 265 20.88 21.99 -9.40
C ARG B 265 19.45 21.67 -8.96
N LEU B 266 19.26 20.50 -8.36
CA LEU B 266 17.95 20.17 -7.80
C LEU B 266 17.64 21.07 -6.60
N LEU B 267 18.65 21.33 -5.79
CA LEU B 267 18.49 22.17 -4.61
C LEU B 267 18.03 23.57 -4.99
N ALA B 268 18.59 24.10 -6.08
CA ALA B 268 18.24 25.43 -6.55
C ALA B 268 16.80 25.48 -7.06
N SER B 269 16.37 24.40 -7.71
CA SER B 269 15.01 24.32 -8.25
C SER B 269 13.99 24.24 -7.13
N ILE B 270 14.41 23.71 -5.98
CA ILE B 270 13.52 23.57 -4.83
C ILE B 270 13.19 24.92 -4.22
N GLN B 271 14.17 25.82 -4.23
CA GLN B 271 13.98 27.16 -3.67
C GLN B 271 13.00 27.97 -4.51
N SER B 272 12.91 27.64 -5.80
CA SER B 272 12.01 28.35 -6.71
C SER B 272 10.67 27.64 -6.80
N LEU B 273 10.61 26.41 -6.30
CA LEU B 273 9.38 25.62 -6.33
C LEU B 273 8.72 25.60 -4.95
N HIS B 274 9.42 26.12 -3.95
CA HIS B 274 8.90 26.15 -2.59
C HIS B 274 7.78 27.20 -2.45
N LYS B 275 6.57 26.73 -2.21
CA LYS B 275 5.42 27.61 -2.07
C LYS B 275 5.12 28.35 -3.36
N ASN B 276 5.59 27.80 -4.48
CA ASN B 276 5.38 28.40 -5.79
C ASN B 276 5.35 27.36 -6.90
N PHE B 277 4.21 27.26 -7.58
CA PHE B 277 4.05 26.30 -8.67
C PHE B 277 3.42 26.96 -9.89
N GLY B 278 2.13 27.32 -9.76
CA GLY B 278 1.41 27.94 -10.84
C GLY B 278 0.69 26.94 -11.72
N GLY B 279 -0.26 26.22 -11.13
CA GLY B 279 -1.03 25.22 -11.86
C GLY B 279 -0.17 24.03 -12.28
N LYS B 280 1.15 24.22 -12.27
CA LYS B 280 2.07 23.16 -12.65
C LYS B 280 1.93 21.94 -11.74
N GLN B 281 2.43 20.81 -12.21
CA GLN B 281 2.35 19.56 -11.44
C GLN B 281 3.43 18.57 -11.88
N ILE B 282 4.11 17.99 -10.91
CA ILE B 282 5.17 17.03 -11.19
C ILE B 282 4.76 15.62 -10.76
N LEU B 283 4.62 14.72 -11.72
CA LEU B 283 4.24 13.34 -11.45
C LEU B 283 2.95 13.28 -10.64
N GLY B 284 2.06 14.25 -10.88
CA GLY B 284 0.79 14.31 -10.18
C GLY B 284 0.84 14.98 -8.81
N HIS B 285 1.92 15.70 -8.53
CA HIS B 285 2.02 16.44 -7.27
C HIS B 285 1.95 17.95 -7.49
N THR B 286 1.16 18.64 -6.66
CA THR B 286 1.01 20.10 -6.74
C THR B 286 1.94 20.74 -5.73
N SER B 287 2.63 19.90 -4.99
CA SER B 287 3.55 20.36 -3.96
C SER B 287 4.77 19.45 -3.90
N LEU B 288 5.78 19.87 -3.13
CA LEU B 288 6.94 19.03 -2.90
C LEU B 288 6.57 17.96 -1.90
N THR B 289 6.85 16.70 -2.23
CA THR B 289 6.47 15.61 -1.34
C THR B 289 7.66 15.07 -0.55
N ASP B 290 7.35 14.62 0.66
CA ASP B 290 8.34 14.19 1.64
C ASP B 290 8.39 12.68 1.73
N GLU B 291 7.55 12.04 0.94
CA GLU B 291 7.12 10.67 1.16
C GLU B 291 8.16 9.59 0.83
N PHE B 292 8.92 9.81 -0.24
CA PHE B 292 9.77 8.75 -0.78
C PHE B 292 11.25 8.97 -0.53
N THR B 293 11.93 7.94 -0.06
CA THR B 293 13.37 8.00 0.14
C THR B 293 14.11 7.62 -1.14
N THR B 294 15.40 7.91 -1.18
CA THR B 294 16.25 7.53 -2.31
C THR B 294 16.24 6.03 -2.50
N GLY B 295 16.31 5.30 -1.39
CA GLY B 295 16.21 3.85 -1.40
C GLY B 295 14.97 3.36 -2.12
N GLU B 296 13.81 3.90 -1.74
CA GLU B 296 12.56 3.51 -2.38
C GLU B 296 12.53 3.87 -3.85
N VAL B 297 13.05 5.06 -4.19
CA VAL B 297 13.03 5.52 -5.57
C VAL B 297 13.92 4.65 -6.45
N VAL B 298 15.13 4.35 -5.97
CA VAL B 298 16.06 3.52 -6.72
C VAL B 298 15.54 2.09 -6.85
N ARG B 299 15.00 1.58 -5.75
CA ARG B 299 14.44 0.23 -5.70
C ARG B 299 13.26 0.05 -6.66
N GLN B 300 12.42 1.08 -6.74
CA GLN B 300 11.19 1.00 -7.54
C GLN B 300 11.42 1.22 -9.03
N MET B 301 12.44 2.00 -9.37
CA MET B 301 12.74 2.27 -10.78
C MET B 301 13.70 1.24 -11.37
N TYR B 302 14.62 0.73 -10.56
CA TYR B 302 15.70 -0.10 -11.09
C TYR B 302 15.90 -1.44 -10.36
N GLY B 303 15.33 -1.57 -9.15
CA GLY B 303 15.42 -2.81 -8.41
C GLY B 303 16.78 -3.04 -7.77
N VAL B 304 17.48 -1.97 -7.45
CA VAL B 304 18.77 -2.05 -6.79
C VAL B 304 18.69 -1.48 -5.37
N ASN B 305 19.61 -1.92 -4.50
CA ASN B 305 19.69 -1.40 -3.14
C ASN B 305 21.04 -0.73 -2.89
N ALA C 2 3.65 -2.30 -27.03
CA ALA C 2 3.38 -2.93 -25.76
C ALA C 2 4.67 -3.60 -25.29
N VAL C 3 5.00 -3.63 -23.87
CA VAL C 3 6.25 -4.29 -23.47
C VAL C 3 5.92 -5.50 -22.62
N LEU C 4 6.33 -6.85 -23.05
CA LEU C 4 6.02 -7.98 -22.22
C LEU C 4 6.84 -7.80 -20.93
N ALA D 2 -5.76 14.99 22.06
CA ALA D 2 -5.15 13.89 21.37
C ALA D 2 -6.00 12.68 21.75
N VAL D 3 -6.55 11.78 20.74
CA VAL D 3 -7.36 10.67 21.23
C VAL D 3 -6.56 9.39 21.24
N LEU D 4 -6.64 8.52 22.45
CA LEU D 4 -5.90 7.29 22.52
C LEU D 4 -6.58 6.39 21.48
#